data_7ST8
#
_entry.id   7ST8
#
_cell.length_a   132.355
_cell.length_b   43.030
_cell.length_c   106.227
_cell.angle_alpha   90.000
_cell.angle_beta   123.890
_cell.angle_gamma   90.000
#
_symmetry.space_group_name_H-M   'C 1 2 1'
#
loop_
_entity.id
_entity.type
_entity.pdbx_description
1 polymer '7H2.2 Fab Heavy Chain'
2 polymer '7H2.2 Fab Light Chain'
3 polymer 'Astacin-like metalloendopeptidase'
4 water water
#
loop_
_entity_poly.entity_id
_entity_poly.type
_entity_poly.pdbx_seq_one_letter_code
_entity_poly.pdbx_strand_id
1 'polypeptide(L)'
;QVTLKESGPGILQPSQTLSLTCSFSGFSLSTSGMGVGWIRQPSGKGLEWLAHIWWDDVKRYNPALKSRLTISKDTSSSQV
FLKIASGDTIDTATYYCARIPTDDYYALDHWGQGASVTVSSAKTTPPSVYPLAPGSAAQTNSMVTLGCLVKGYFPEPVTV
TWNSGSLSSGVHTFPAVLQSDLYTLSSSVTVPSSTWPSETVTCNVAHPASSTKVDKKIVPRDC
;
H
2 'polypeptide(L)'
;DIVLTQSPASLAVSLGQRATISCRASKSVSTSGYSFMHWYQQKPGQPPKLLIYLASNLESGVPARFSGSGSGTDFTLNIH
PVEEEDAATFYCQHSRELPYTFGGGTKLEIKRADAAPTVSIFPPSSEQLTSGGASVVCFLNNFYPKDINVKWKIDGSERQ
NGVLNSWTDQDSKDSTYSMSSTLTLTKDEYERHNSYTCEATHKTSTSPIVKSFNRNE
;
L
3 'polypeptide(L)'
;MGSSHHHHHHSSGLVPRGSHMASGPRPRGRGSHAHSTGRSPAPASLSLQRLLEALSAESRSPDPSGSSAGGQPVPAGPGE
SPHGWESPALKKLSAEASARQPQTLASSPRSRPGAGAPGVAQEQSWLAGVSTKPTVPSSEAGIQPVPVQGSPALPGGCVP
RNHFKGMSED
;
S
#
# COMPACT_ATOMS: atom_id res chain seq x y z
N GLN A 1 7.80 23.13 -2.31
CA GLN A 1 9.19 22.99 -2.82
C GLN A 1 9.76 21.62 -2.41
N VAL A 2 9.62 21.23 -1.14
CA VAL A 2 10.31 20.05 -0.52
C VAL A 2 9.76 18.75 -1.13
N THR A 3 10.50 18.18 -2.08
CA THR A 3 10.23 16.85 -2.71
C THR A 3 11.49 15.98 -2.59
N LEU A 4 11.31 14.71 -2.23
CA LEU A 4 12.32 13.63 -2.30
C LEU A 4 11.75 12.53 -3.19
N LYS A 5 12.55 11.99 -4.11
CA LYS A 5 12.12 10.85 -4.97
C LYS A 5 13.20 9.77 -4.96
N GLU A 6 12.80 8.55 -4.64
CA GLU A 6 13.66 7.33 -4.67
C GLU A 6 13.71 6.82 -6.11
N SER A 7 14.86 6.33 -6.54
CA SER A 7 15.06 5.54 -7.79
C SER A 7 15.96 4.34 -7.46
N GLY A 8 15.59 3.16 -7.97
CA GLY A 8 16.24 1.88 -7.64
C GLY A 8 15.95 0.82 -8.70
N PRO A 9 16.55 -0.39 -8.56
CA PRO A 9 16.46 -1.44 -9.58
C PRO A 9 15.03 -1.87 -9.94
N GLY A 10 14.20 -2.17 -8.94
CA GLY A 10 12.87 -2.78 -9.09
C GLY A 10 12.94 -4.27 -8.82
N ILE A 11 13.78 -4.98 -9.58
CA ILE A 11 14.11 -6.42 -9.34
C ILE A 11 15.63 -6.55 -9.18
N LEU A 12 16.07 -7.52 -8.38
CA LEU A 12 17.49 -7.77 -8.03
C LEU A 12 17.75 -9.28 -8.02
N GLN A 13 18.98 -9.69 -8.36
CA GLN A 13 19.46 -11.10 -8.28
C GLN A 13 19.99 -11.35 -6.86
N PRO A 14 19.51 -12.40 -6.15
CA PRO A 14 20.05 -12.73 -4.83
C PRO A 14 21.59 -12.79 -4.84
N SER A 15 22.22 -12.03 -3.94
CA SER A 15 23.69 -11.93 -3.75
C SER A 15 24.26 -10.72 -4.51
N GLN A 16 23.48 -10.12 -5.42
CA GLN A 16 23.87 -8.88 -6.15
C GLN A 16 23.61 -7.66 -5.24
N THR A 17 24.27 -6.54 -5.54
CA THR A 17 24.26 -5.30 -4.70
C THR A 17 23.07 -4.41 -5.07
N LEU A 18 22.14 -4.24 -4.13
CA LEU A 18 21.02 -3.25 -4.19
C LEU A 18 21.61 -1.84 -4.11
N SER A 19 21.37 -1.00 -5.12
CA SER A 19 21.82 0.41 -5.18
C SER A 19 20.63 1.35 -5.36
N LEU A 20 20.40 2.24 -4.38
CA LEU A 20 19.25 3.17 -4.33
C LEU A 20 19.75 4.62 -4.37
N THR A 21 19.00 5.51 -5.03
CA THR A 21 19.31 6.95 -5.16
C THR A 21 18.12 7.77 -4.66
N CYS A 22 18.38 8.81 -3.87
CA CYS A 22 17.37 9.75 -3.31
C CYS A 22 17.71 11.16 -3.79
N SER A 23 17.12 11.57 -4.92
CA SER A 23 17.14 12.96 -5.44
C SER A 23 16.17 13.81 -4.61
N PHE A 24 16.52 15.07 -4.31
CA PHE A 24 15.68 16.01 -3.51
C PHE A 24 15.85 17.45 -4.01
N SER A 25 14.80 18.26 -3.81
CA SER A 25 14.79 19.74 -3.96
C SER A 25 13.90 20.34 -2.86
N GLY A 26 13.92 21.67 -2.74
CA GLY A 26 13.19 22.42 -1.69
C GLY A 26 14.06 22.69 -0.46
N PHE A 27 15.22 22.05 -0.37
CA PHE A 27 16.19 22.19 0.75
C PHE A 27 17.57 21.70 0.29
N SER A 28 18.60 22.06 1.05
CA SER A 28 20.02 21.73 0.77
C SER A 28 20.60 20.93 1.94
N LEU A 29 21.34 19.85 1.65
CA LEU A 29 21.96 18.95 2.67
C LEU A 29 23.32 19.52 3.12
N SER A 30 23.50 20.85 3.03
CA SER A 30 24.61 21.61 3.67
C SER A 30 24.03 22.65 4.63
N THR A 31 22.70 22.81 4.66
CA THR A 31 21.98 23.61 5.69
C THR A 31 22.20 22.95 7.05
N SER A 32 22.56 23.75 8.06
CA SER A 32 22.81 23.29 9.45
C SER A 32 21.55 22.60 9.99
N GLY A 33 21.72 21.44 10.63
CA GLY A 33 20.64 20.62 11.23
C GLY A 33 20.08 19.58 10.29
N MET A 34 20.13 19.83 8.98
CA MET A 34 19.48 18.98 7.94
C MET A 34 20.14 17.60 7.89
N GLY A 35 19.37 16.57 7.54
CA GLY A 35 19.83 15.19 7.35
C GLY A 35 18.88 14.43 6.45
N VAL A 36 19.33 13.33 5.85
CA VAL A 36 18.50 12.43 4.99
C VAL A 36 18.77 10.99 5.43
N GLY A 37 17.71 10.19 5.52
CA GLY A 37 17.76 8.81 6.03
C GLY A 37 16.94 7.87 5.18
N TRP A 38 17.21 6.58 5.27
CA TRP A 38 16.49 5.49 4.55
C TRP A 38 15.72 4.64 5.56
N ILE A 39 14.42 4.48 5.32
CA ILE A 39 13.52 3.54 6.04
C ILE A 39 12.95 2.59 4.98
N ARG A 40 12.77 1.31 5.32
CA ARG A 40 12.22 0.28 4.40
C ARG A 40 11.02 -0.42 5.05
N GLN A 41 10.03 -0.78 4.22
CA GLN A 41 8.77 -1.43 4.63
C GLN A 41 8.51 -2.65 3.75
N PRO A 42 8.65 -3.89 4.28
CA PRO A 42 8.17 -5.08 3.58
C PRO A 42 6.65 -5.09 3.42
N SER A 43 6.12 -6.02 2.60
CA SER A 43 4.69 -6.10 2.20
C SER A 43 3.83 -6.48 3.42
N GLY A 44 2.99 -5.54 3.88
CA GLY A 44 2.06 -5.72 5.01
C GLY A 44 2.75 -5.70 6.36
N LYS A 45 4.08 -5.53 6.38
CA LYS A 45 4.90 -5.51 7.62
C LYS A 45 5.17 -4.04 8.03
N GLY A 46 5.87 -3.84 9.14
CA GLY A 46 6.10 -2.52 9.76
C GLY A 46 7.25 -1.78 9.11
N LEU A 47 7.80 -0.78 9.80
CA LEU A 47 8.87 0.13 9.30
C LEU A 47 10.20 -0.18 9.99
N GLU A 48 11.32 0.02 9.29
CA GLU A 48 12.70 -0.31 9.76
C GLU A 48 13.67 0.77 9.30
N TRP A 49 14.32 1.45 10.26
CA TRP A 49 15.36 2.47 9.98
C TRP A 49 16.64 1.76 9.55
N LEU A 50 17.15 2.07 8.35
CA LEU A 50 18.37 1.44 7.77
C LEU A 50 19.60 2.29 8.10
N ALA A 51 19.61 3.55 7.65
CA ALA A 51 20.78 4.44 7.74
C ALA A 51 20.36 5.89 7.56
N HIS A 52 21.26 6.83 7.87
CA HIS A 52 21.10 8.27 7.56
C HIS A 52 22.46 8.97 7.55
N ILE A 53 22.51 10.13 6.89
CA ILE A 53 23.69 11.03 6.79
C ILE A 53 23.24 12.43 7.18
N TRP A 54 24.02 13.12 8.02
CA TRP A 54 23.74 14.51 8.47
C TRP A 54 24.45 15.49 7.52
N TRP A 55 24.10 16.77 7.63
CA TRP A 55 24.64 17.88 6.80
C TRP A 55 26.17 17.91 6.82
N ASP A 56 26.79 17.42 7.90
CA ASP A 56 28.26 17.49 8.15
C ASP A 56 28.94 16.14 7.88
N ASP A 57 28.22 15.21 7.23
CA ASP A 57 28.77 13.93 6.69
C ASP A 57 28.95 12.89 7.80
N VAL A 58 28.42 13.12 9.00
CA VAL A 58 28.30 12.09 10.07
C VAL A 58 27.26 11.08 9.58
N LYS A 59 27.63 9.80 9.48
CA LYS A 59 26.77 8.70 8.98
C LYS A 59 26.43 7.77 10.15
N ARG A 60 25.24 7.18 10.12
CA ARG A 60 24.79 6.15 11.09
C ARG A 60 24.12 5.01 10.33
N TYR A 61 24.30 3.77 10.81
CA TYR A 61 23.81 2.52 10.18
C TYR A 61 23.11 1.67 11.25
N ASN A 62 22.09 0.92 10.84
CA ASN A 62 21.44 -0.12 11.69
C ASN A 62 22.47 -1.21 11.96
N PRO A 63 22.87 -1.41 13.23
CA PRO A 63 23.86 -2.44 13.57
C PRO A 63 23.54 -3.80 12.94
N ALA A 64 22.25 -4.17 12.92
CA ALA A 64 21.74 -5.50 12.49
C ALA A 64 22.26 -5.87 11.10
N LEU A 65 22.51 -4.88 10.24
CA LEU A 65 23.00 -5.09 8.85
C LEU A 65 24.12 -4.10 8.51
N LYS A 66 24.80 -3.55 9.53
CA LYS A 66 25.92 -2.56 9.39
C LYS A 66 27.01 -3.13 8.50
N SER A 67 27.22 -4.46 8.55
CA SER A 67 28.12 -5.24 7.66
C SER A 67 27.94 -4.80 6.21
N ARG A 68 26.68 -4.57 5.79
CA ARG A 68 26.25 -4.53 4.37
C ARG A 68 25.96 -3.10 3.88
N LEU A 69 25.92 -2.11 4.77
CA LEU A 69 25.40 -0.75 4.45
C LEU A 69 26.56 0.20 4.11
N THR A 70 26.32 1.09 3.16
CA THR A 70 27.20 2.20 2.72
C THR A 70 26.32 3.36 2.21
N ILE A 71 26.44 4.54 2.81
CA ILE A 71 25.63 5.75 2.46
C ILE A 71 26.60 6.88 2.11
N SER A 72 26.17 7.81 1.25
CA SER A 72 26.95 9.01 0.85
C SER A 72 26.02 10.06 0.24
N LYS A 73 26.50 11.31 0.13
CA LYS A 73 25.74 12.46 -0.39
C LYS A 73 26.54 13.17 -1.48
N ASP A 74 25.85 13.64 -2.53
CA ASP A 74 26.35 14.61 -3.53
C ASP A 74 25.58 15.92 -3.32
N THR A 75 26.00 16.71 -2.34
CA THR A 75 25.37 18.00 -1.93
C THR A 75 25.17 18.87 -3.19
N SER A 76 26.14 18.86 -4.10
CA SER A 76 26.14 19.63 -5.37
C SER A 76 24.89 19.30 -6.19
N SER A 77 24.65 18.01 -6.46
CA SER A 77 23.54 17.50 -7.32
C SER A 77 22.25 17.34 -6.51
N SER A 78 22.30 17.51 -5.18
CA SER A 78 21.17 17.32 -4.22
C SER A 78 20.67 15.87 -4.30
N GLN A 79 21.57 14.91 -4.04
CA GLN A 79 21.29 13.45 -4.12
C GLN A 79 21.94 12.73 -2.93
N VAL A 80 21.33 11.63 -2.48
CA VAL A 80 21.91 10.70 -1.46
C VAL A 80 21.87 9.29 -2.04
N PHE A 81 22.94 8.51 -1.83
CA PHE A 81 23.10 7.14 -2.37
C PHE A 81 23.21 6.14 -1.22
N LEU A 82 22.47 5.03 -1.32
CA LEU A 82 22.56 3.87 -0.39
C LEU A 82 22.92 2.63 -1.21
N LYS A 83 23.86 1.83 -0.71
CA LYS A 83 24.22 0.51 -1.29
C LYS A 83 24.10 -0.55 -0.19
N ILE A 84 23.51 -1.70 -0.52
CA ILE A 84 23.23 -2.81 0.42
C ILE A 84 23.75 -4.10 -0.21
N ALA A 85 24.95 -4.52 0.19
CA ALA A 85 25.70 -5.67 -0.38
C ALA A 85 24.92 -6.96 -0.12
N SER A 86 25.34 -8.06 -0.76
CA SER A 86 24.81 -9.43 -0.56
C SER A 86 23.29 -9.37 -0.36
N GLY A 87 22.59 -8.71 -1.28
CA GLY A 87 21.11 -8.61 -1.30
C GLY A 87 20.46 -9.98 -1.29
N ASP A 88 19.41 -10.15 -0.48
CA ASP A 88 18.74 -11.45 -0.24
C ASP A 88 17.22 -11.24 -0.25
N THR A 89 16.44 -12.32 -0.34
CA THR A 89 14.95 -12.31 -0.45
C THR A 89 14.35 -11.35 0.58
N ILE A 90 14.74 -11.47 1.86
CA ILE A 90 14.16 -10.67 2.98
C ILE A 90 14.43 -9.16 2.81
N ASP A 91 15.36 -8.76 1.93
CA ASP A 91 15.57 -7.33 1.55
C ASP A 91 14.52 -6.89 0.52
N THR A 92 13.57 -7.76 0.16
CA THR A 92 12.37 -7.43 -0.65
C THR A 92 11.47 -6.47 0.15
N ALA A 93 11.33 -5.22 -0.30
CA ALA A 93 10.57 -4.17 0.42
C ALA A 93 10.41 -2.91 -0.42
N THR A 94 9.57 -1.99 0.06
CA THR A 94 9.53 -0.58 -0.36
C THR A 94 10.62 0.15 0.42
N TYR A 95 11.55 0.82 -0.28
CA TYR A 95 12.62 1.64 0.32
C TYR A 95 12.22 3.11 0.19
N TYR A 96 12.03 3.78 1.33
CA TYR A 96 11.77 5.24 1.43
C TYR A 96 13.07 5.96 1.77
N CYS A 97 13.26 7.16 1.22
CA CYS A 97 14.16 8.19 1.77
C CYS A 97 13.28 9.31 2.33
N ALA A 98 13.69 9.89 3.46
CA ALA A 98 12.98 10.97 4.18
C ALA A 98 14.01 11.96 4.74
N ARG A 99 13.58 13.22 4.91
CA ARG A 99 14.42 14.31 5.46
C ARG A 99 14.28 14.35 6.99
N ILE A 100 15.38 14.62 7.69
CA ILE A 100 15.41 15.04 9.12
C ILE A 100 15.66 16.54 9.14
N PRO A 101 14.63 17.37 9.47
CA PRO A 101 14.71 18.81 9.28
C PRO A 101 15.62 19.61 10.24
N THR A 102 15.94 19.09 11.43
CA THR A 102 16.74 19.81 12.46
C THR A 102 17.75 18.89 13.16
N ASP A 103 18.70 19.53 13.83
CA ASP A 103 19.76 18.98 14.73
C ASP A 103 19.09 18.43 15.99
N ASP A 104 17.90 18.93 16.32
CA ASP A 104 17.30 18.94 17.68
C ASP A 104 16.50 17.66 17.96
N TYR A 105 15.92 17.03 16.93
CA TYR A 105 15.14 15.78 17.07
C TYR A 105 15.16 15.00 15.75
N TYR A 106 15.35 13.68 15.84
CA TYR A 106 15.32 12.73 14.70
C TYR A 106 13.89 12.24 14.51
N ALA A 107 13.10 13.05 13.81
CA ALA A 107 11.82 12.66 13.18
C ALA A 107 11.95 12.93 11.68
N LEU A 108 11.04 12.35 10.88
CA LEU A 108 11.11 12.35 9.40
C LEU A 108 9.88 13.09 8.86
N ASP A 109 10.04 14.33 8.37
CA ASP A 109 8.92 15.28 8.17
C ASP A 109 8.43 15.24 6.71
N HIS A 110 9.31 14.97 5.74
CA HIS A 110 8.96 14.77 4.30
C HIS A 110 9.55 13.44 3.80
N TRP A 111 8.71 12.59 3.21
CA TRP A 111 9.06 11.25 2.65
C TRP A 111 8.84 11.27 1.14
N GLY A 112 9.69 10.53 0.40
CA GLY A 112 9.42 10.17 -1.01
C GLY A 112 8.32 9.14 -1.11
N GLN A 113 7.78 8.95 -2.32
CA GLN A 113 6.60 8.08 -2.60
C GLN A 113 6.99 6.61 -2.49
N GLY A 114 8.26 6.30 -2.20
CA GLY A 114 8.76 4.92 -2.03
C GLY A 114 9.38 4.40 -3.32
N ALA A 115 10.09 3.28 -3.24
CA ALA A 115 10.72 2.59 -4.40
C ALA A 115 10.69 1.08 -4.15
N SER A 116 9.70 0.40 -4.75
CA SER A 116 9.45 -1.05 -4.57
C SER A 116 10.67 -1.84 -5.09
N VAL A 117 11.40 -2.51 -4.19
CA VAL A 117 12.55 -3.39 -4.53
C VAL A 117 12.17 -4.83 -4.20
N THR A 118 12.11 -5.68 -5.23
CA THR A 118 11.98 -7.16 -5.13
C THR A 118 13.35 -7.77 -5.40
N VAL A 119 13.72 -8.83 -4.69
CA VAL A 119 14.98 -9.60 -4.94
C VAL A 119 14.63 -11.09 -4.98
N SER A 120 14.84 -11.73 -6.13
CA SER A 120 14.25 -13.03 -6.52
C SER A 120 14.96 -13.58 -7.76
N SER A 121 15.04 -14.91 -7.87
CA SER A 121 15.60 -15.63 -9.05
C SER A 121 14.64 -15.55 -10.24
N ALA A 122 13.35 -15.27 -9.97
CA ALA A 122 12.26 -15.22 -10.98
C ALA A 122 12.55 -14.19 -12.08
N LYS A 123 11.98 -14.41 -13.27
CA LYS A 123 12.24 -13.63 -14.50
C LYS A 123 11.24 -12.48 -14.61
N THR A 124 11.73 -11.28 -14.92
CA THR A 124 10.92 -10.05 -15.17
C THR A 124 9.94 -10.35 -16.33
N THR A 125 8.65 -10.50 -16.01
CA THR A 125 7.57 -10.90 -16.95
C THR A 125 6.53 -9.79 -17.06
N PRO A 126 6.17 -9.31 -18.27
CA PRO A 126 5.14 -8.29 -18.43
C PRO A 126 3.73 -8.87 -18.30
N PRO A 127 2.71 -8.03 -18.07
CA PRO A 127 1.34 -8.51 -17.87
C PRO A 127 0.57 -8.71 -19.18
N SER A 128 -0.34 -9.70 -19.19
CA SER A 128 -1.46 -9.81 -20.15
C SER A 128 -2.69 -9.17 -19.50
N VAL A 129 -3.14 -8.02 -20.00
CA VAL A 129 -4.36 -7.32 -19.49
C VAL A 129 -5.55 -7.79 -20.34
N TYR A 130 -6.64 -8.17 -19.68
CA TYR A 130 -7.90 -8.64 -20.32
C TYR A 130 -9.02 -7.66 -19.96
N PRO A 131 -9.87 -7.26 -20.92
CA PRO A 131 -10.98 -6.36 -20.66
C PRO A 131 -12.15 -7.14 -20.03
N LEU A 132 -12.82 -6.54 -19.04
CA LEU A 132 -13.99 -7.14 -18.35
C LEU A 132 -15.24 -6.33 -18.70
N ALA A 133 -16.08 -6.90 -19.57
CA ALA A 133 -17.39 -6.36 -19.98
C ALA A 133 -18.49 -7.29 -19.50
N PRO A 134 -19.71 -6.77 -19.24
CA PRO A 134 -20.83 -7.57 -18.75
C PRO A 134 -21.11 -8.89 -19.49
N GLY A 135 -21.11 -8.85 -20.82
CA GLY A 135 -21.52 -9.98 -21.69
C GLY A 135 -22.94 -9.79 -22.20
N SER A 136 -23.22 -10.28 -23.41
CA SER A 136 -24.49 -10.07 -24.18
C SER A 136 -25.70 -10.06 -23.24
N ALA A 137 -25.94 -11.18 -22.53
CA ALA A 137 -27.05 -11.36 -21.57
C ALA A 137 -26.78 -10.54 -20.30
N ALA A 138 -27.15 -9.25 -20.32
CA ALA A 138 -26.81 -8.24 -19.29
C ALA A 138 -27.94 -8.14 -18.27
N GLN A 139 -28.19 -6.93 -17.72
CA GLN A 139 -29.24 -6.66 -16.70
C GLN A 139 -29.69 -5.19 -16.80
N THR A 140 -30.81 -4.85 -16.15
CA THR A 140 -31.52 -3.54 -16.21
C THR A 140 -30.51 -2.38 -16.13
N ASN A 141 -29.59 -2.44 -15.16
CA ASN A 141 -28.47 -1.49 -14.97
C ASN A 141 -28.93 -0.30 -14.11
N SER A 142 -28.81 0.93 -14.63
CA SER A 142 -28.83 2.21 -13.88
C SER A 142 -27.40 2.72 -13.76
N MET A 143 -26.51 1.88 -13.22
CA MET A 143 -25.03 2.02 -13.24
C MET A 143 -24.44 0.74 -13.84
N VAL A 144 -23.26 0.83 -14.48
CA VAL A 144 -22.56 -0.31 -15.13
C VAL A 144 -21.10 -0.35 -14.65
N THR A 145 -20.64 -1.53 -14.25
CA THR A 145 -19.24 -1.79 -13.79
C THR A 145 -18.48 -2.45 -14.95
N LEU A 146 -17.34 -1.86 -15.35
CA LEU A 146 -16.34 -2.49 -16.25
C LEU A 146 -15.11 -2.86 -15.40
N GLY A 147 -14.09 -3.46 -16.01
CA GLY A 147 -12.83 -3.82 -15.30
C GLY A 147 -11.71 -4.25 -16.23
N CYS A 148 -10.50 -4.37 -15.69
CA CYS A 148 -9.30 -4.93 -16.36
C CYS A 148 -8.65 -5.97 -15.46
N LEU A 149 -8.30 -7.14 -16.02
CA LEU A 149 -7.65 -8.27 -15.30
C LEU A 149 -6.18 -8.34 -15.72
N VAL A 150 -5.27 -7.91 -14.85
CA VAL A 150 -3.78 -7.84 -15.09
C VAL A 150 -3.15 -9.11 -14.51
N LYS A 151 -2.64 -9.99 -15.38
CA LYS A 151 -2.33 -11.40 -15.02
C LYS A 151 -0.92 -11.80 -15.50
N GLY A 152 -0.31 -12.75 -14.79
CA GLY A 152 0.95 -13.43 -15.15
C GLY A 152 2.13 -12.48 -15.31
N TYR A 153 2.29 -11.51 -14.40
CA TYR A 153 3.39 -10.53 -14.40
C TYR A 153 4.25 -10.66 -13.14
N PHE A 154 5.46 -10.11 -13.20
CA PHE A 154 6.49 -10.10 -12.13
C PHE A 154 7.59 -9.14 -12.56
N PRO A 155 8.19 -8.32 -11.66
CA PRO A 155 7.74 -8.16 -10.28
C PRO A 155 6.70 -7.04 -10.14
N GLU A 156 6.24 -6.76 -8.91
CA GLU A 156 5.47 -5.53 -8.57
C GLU A 156 6.42 -4.35 -8.72
N PRO A 157 5.93 -3.09 -8.87
CA PRO A 157 4.51 -2.79 -8.94
C PRO A 157 3.94 -2.75 -10.36
N VAL A 158 2.62 -2.92 -10.47
CA VAL A 158 1.78 -2.52 -11.64
C VAL A 158 0.99 -1.27 -11.20
N THR A 159 0.78 -0.33 -12.12
CA THR A 159 0.06 0.95 -11.87
C THR A 159 -1.09 1.05 -12.88
N VAL A 160 -2.34 0.97 -12.39
CA VAL A 160 -3.59 0.94 -13.22
C VAL A 160 -4.28 2.30 -13.12
N THR A 161 -4.62 2.91 -14.26
CA THR A 161 -5.50 4.10 -14.35
C THR A 161 -6.63 3.79 -15.34
N TRP A 162 -7.58 4.73 -15.47
CA TRP A 162 -8.67 4.72 -16.49
C TRP A 162 -8.73 6.08 -17.19
N ASN A 163 -8.75 6.08 -18.53
CA ASN A 163 -8.79 7.29 -19.39
C ASN A 163 -7.61 8.19 -19.01
N SER A 164 -6.42 7.59 -18.82
CA SER A 164 -5.13 8.28 -18.57
C SER A 164 -5.20 9.11 -17.29
N GLY A 165 -6.01 8.68 -16.31
CA GLY A 165 -6.18 9.35 -15.01
C GLY A 165 -7.40 10.25 -14.96
N SER A 166 -8.07 10.46 -16.10
CA SER A 166 -9.25 11.35 -16.25
C SER A 166 -10.44 10.81 -15.46
N LEU A 167 -10.55 9.48 -15.35
CA LEU A 167 -11.68 8.75 -14.72
C LEU A 167 -11.22 8.11 -13.40
N SER A 168 -11.26 8.88 -12.31
CA SER A 168 -10.62 8.57 -10.99
C SER A 168 -11.67 8.07 -9.99
N SER A 169 -12.79 8.77 -9.85
CA SER A 169 -13.89 8.46 -8.92
C SER A 169 -14.55 7.14 -9.32
N GLY A 170 -15.09 6.40 -8.34
CA GLY A 170 -15.77 5.11 -8.54
C GLY A 170 -14.85 4.06 -9.13
N VAL A 171 -13.60 4.03 -8.68
CA VAL A 171 -12.55 3.05 -9.12
C VAL A 171 -12.15 2.20 -7.90
N HIS A 172 -11.88 0.91 -8.11
CA HIS A 172 -11.34 -0.03 -7.09
C HIS A 172 -10.25 -0.90 -7.74
N THR A 173 -8.98 -0.54 -7.53
CA THR A 173 -7.79 -1.33 -7.95
C THR A 173 -7.43 -2.27 -6.80
N PHE A 174 -7.60 -3.58 -7.01
CA PHE A 174 -7.45 -4.62 -5.96
C PHE A 174 -5.97 -4.94 -5.79
N PRO A 175 -5.49 -5.19 -4.55
CA PRO A 175 -4.11 -5.61 -4.34
C PRO A 175 -3.75 -6.87 -5.12
N ALA A 176 -2.49 -6.95 -5.55
CA ALA A 176 -1.90 -8.08 -6.31
C ALA A 176 -1.83 -9.31 -5.40
N VAL A 177 -1.90 -10.50 -6.00
CA VAL A 177 -1.73 -11.82 -5.30
C VAL A 177 -0.86 -12.71 -6.20
N LEU A 178 -0.03 -13.56 -5.59
CA LEU A 178 1.07 -14.28 -6.26
C LEU A 178 0.75 -15.78 -6.36
N GLN A 179 0.13 -16.20 -7.47
CA GLN A 179 -0.06 -17.63 -7.84
C GLN A 179 1.13 -18.08 -8.69
N SER A 180 1.82 -19.16 -8.29
CA SER A 180 3.15 -19.55 -8.81
C SER A 180 4.13 -18.40 -8.55
N ASP A 181 4.93 -18.01 -9.53
CA ASP A 181 5.86 -16.84 -9.44
C ASP A 181 5.37 -15.74 -10.42
N LEU A 182 4.06 -15.47 -10.41
CA LEU A 182 3.41 -14.44 -11.25
C LEU A 182 2.29 -13.76 -10.45
N TYR A 183 2.28 -12.43 -10.42
CA TYR A 183 1.27 -11.58 -9.71
C TYR A 183 0.01 -11.46 -10.59
N THR A 184 -1.17 -11.57 -9.96
CA THR A 184 -2.50 -11.36 -10.58
C THR A 184 -3.21 -10.20 -9.89
N LEU A 185 -3.58 -9.17 -10.65
CA LEU A 185 -4.20 -7.92 -10.14
C LEU A 185 -5.45 -7.60 -10.99
N SER A 186 -6.56 -7.26 -10.34
CA SER A 186 -7.82 -6.80 -11.00
C SER A 186 -8.09 -5.34 -10.60
N SER A 187 -8.86 -4.62 -11.42
CA SER A 187 -9.31 -3.24 -11.15
C SER A 187 -10.70 -3.03 -11.78
N SER A 188 -11.61 -2.38 -11.04
CA SER A 188 -13.00 -2.11 -11.46
C SER A 188 -13.20 -0.59 -11.60
N VAL A 189 -14.08 -0.20 -12.51
CA VAL A 189 -14.60 1.20 -12.65
C VAL A 189 -16.12 1.09 -12.85
N THR A 190 -16.88 2.00 -12.24
CA THR A 190 -18.37 1.99 -12.21
C THR A 190 -18.89 3.29 -12.82
N VAL A 191 -19.55 3.20 -13.98
CA VAL A 191 -20.01 4.36 -14.81
C VAL A 191 -21.54 4.34 -14.88
N PRO A 192 -22.19 5.51 -15.09
CA PRO A 192 -23.66 5.62 -15.15
C PRO A 192 -24.48 4.78 -16.15
N SER A 193 -23.89 3.78 -16.81
CA SER A 193 -24.60 2.82 -17.70
C SER A 193 -24.99 3.50 -19.02
N SER A 194 -25.60 4.70 -18.95
CA SER A 194 -25.98 5.54 -20.10
C SER A 194 -24.73 5.99 -20.89
N THR A 195 -23.61 6.19 -20.19
CA THR A 195 -22.36 6.80 -20.71
C THR A 195 -21.56 5.77 -21.51
N TRP A 196 -21.79 4.46 -21.30
CA TRP A 196 -21.05 3.36 -21.97
C TRP A 196 -22.02 2.51 -22.79
N PRO A 197 -21.73 2.20 -24.08
CA PRO A 197 -20.44 2.50 -24.71
C PRO A 197 -20.37 3.85 -25.45
N SER A 198 -21.40 4.69 -25.33
CA SER A 198 -21.52 5.99 -26.02
C SER A 198 -20.25 6.84 -25.78
N GLU A 199 -19.74 6.86 -24.54
CA GLU A 199 -18.46 7.49 -24.14
C GLU A 199 -17.45 6.40 -23.83
N THR A 200 -16.22 6.50 -24.36
CA THR A 200 -15.20 5.42 -24.35
C THR A 200 -14.63 5.24 -22.95
N VAL A 201 -14.48 3.98 -22.51
CA VAL A 201 -13.87 3.59 -21.20
C VAL A 201 -12.62 2.76 -21.50
N THR A 202 -11.45 3.35 -21.28
CA THR A 202 -10.11 2.76 -21.54
C THR A 202 -9.35 2.62 -20.21
N CYS A 203 -8.81 1.44 -19.94
CA CYS A 203 -7.93 1.17 -18.76
C CYS A 203 -6.47 1.17 -19.21
N ASN A 204 -5.61 1.87 -18.46
CA ASN A 204 -4.17 2.07 -18.76
C ASN A 204 -3.37 1.29 -17.70
N VAL A 205 -2.50 0.37 -18.14
CA VAL A 205 -1.78 -0.59 -17.26
C VAL A 205 -0.28 -0.50 -17.57
N ALA A 206 0.47 0.25 -16.75
CA ALA A 206 1.93 0.41 -16.85
C ALA A 206 2.62 -0.58 -15.89
N HIS A 207 3.67 -1.24 -16.35
CA HIS A 207 4.53 -2.16 -15.56
C HIS A 207 6.00 -1.78 -15.80
N PRO A 208 6.53 -0.77 -15.07
CA PRO A 208 7.82 -0.16 -15.40
C PRO A 208 8.97 -1.18 -15.40
N ALA A 209 8.90 -2.18 -14.52
CA ALA A 209 9.92 -3.25 -14.36
C ALA A 209 10.21 -3.95 -15.70
N SER A 210 9.20 -4.15 -16.54
CA SER A 210 9.29 -4.83 -17.86
C SER A 210 9.27 -3.79 -19.00
N SER A 211 9.27 -2.51 -18.67
CA SER A 211 9.26 -1.37 -19.64
C SER A 211 8.05 -1.52 -20.57
N THR A 212 6.85 -1.64 -19.98
CA THR A 212 5.59 -1.98 -20.70
C THR A 212 4.47 -1.05 -20.23
N LYS A 213 3.69 -0.51 -21.17
CA LYS A 213 2.47 0.28 -20.92
C LYS A 213 1.39 -0.19 -21.90
N VAL A 214 0.27 -0.71 -21.38
CA VAL A 214 -0.83 -1.32 -22.18
C VAL A 214 -2.11 -0.54 -21.95
N ASP A 215 -2.68 0.02 -23.04
CA ASP A 215 -4.05 0.59 -23.08
C ASP A 215 -5.02 -0.51 -23.53
N LYS A 216 -6.16 -0.64 -22.86
CA LYS A 216 -7.21 -1.65 -23.18
C LYS A 216 -8.59 -0.96 -23.15
N LYS A 217 -9.16 -0.71 -24.32
CA LYS A 217 -10.53 -0.15 -24.47
C LYS A 217 -11.54 -1.26 -24.17
N ILE A 218 -12.48 -1.00 -23.27
CA ILE A 218 -13.57 -1.96 -22.91
C ILE A 218 -14.69 -1.75 -23.94
N VAL A 219 -15.03 -2.79 -24.70
CA VAL A 219 -16.06 -2.76 -25.78
C VAL A 219 -17.05 -3.89 -25.52
N PRO A 220 -18.37 -3.67 -25.72
CA PRO A 220 -19.37 -4.73 -25.59
C PRO A 220 -19.03 -6.02 -26.34
N ARG A 221 -19.48 -7.17 -25.81
CA ARG A 221 -19.12 -8.53 -26.27
C ARG A 221 -19.73 -8.82 -27.66
N ASP A 222 -20.93 -8.30 -27.93
CA ASP A 222 -21.69 -8.53 -29.19
C ASP A 222 -22.07 -10.02 -29.27
N CYS A 223 -21.57 -10.74 -30.29
CA CYS A 223 -21.76 -12.20 -30.49
C CYS A 223 -23.12 -12.64 -29.95
N ASP B 1 18.67 -2.41 22.39
CA ASP B 1 17.64 -1.95 21.41
C ASP B 1 16.33 -1.71 22.16
N ILE B 2 15.75 -0.52 22.01
CA ILE B 2 14.42 -0.15 22.57
C ILE B 2 13.34 -0.78 21.68
N VAL B 3 12.49 -1.63 22.26
CA VAL B 3 11.30 -2.23 21.58
C VAL B 3 10.08 -1.38 21.93
N LEU B 4 9.41 -0.86 20.91
CA LEU B 4 8.10 -0.15 21.02
C LEU B 4 6.98 -1.16 20.77
N THR B 5 6.07 -1.32 21.74
CA THR B 5 4.84 -2.14 21.64
C THR B 5 3.65 -1.18 21.55
N GLN B 6 2.90 -1.24 20.44
CA GLN B 6 1.67 -0.43 20.23
C GLN B 6 0.46 -1.22 20.75
N SER B 7 -0.50 -0.52 21.37
CA SER B 7 -1.74 -1.05 21.97
C SER B 7 -2.86 -0.04 21.78
N PRO B 8 -3.94 -0.36 21.04
CA PRO B 8 -4.14 -1.67 20.43
C PRO B 8 -3.49 -1.80 19.05
N ALA B 9 -3.47 -3.01 18.50
CA ALA B 9 -3.00 -3.33 17.13
C ALA B 9 -4.04 -2.85 16.10
N SER B 10 -5.33 -3.02 16.41
CA SER B 10 -6.47 -2.57 15.57
C SER B 10 -7.55 -1.93 16.44
N LEU B 11 -8.23 -0.94 15.87
CA LEU B 11 -9.18 -0.04 16.57
C LEU B 11 -10.24 0.42 15.56
N ALA B 12 -11.52 0.20 15.86
CA ALA B 12 -12.67 0.64 15.04
C ALA B 12 -13.45 1.71 15.81
N VAL B 13 -13.51 2.93 15.25
CA VAL B 13 -14.13 4.12 15.90
C VAL B 13 -15.06 4.81 14.89
N SER B 14 -16.21 5.31 15.37
CA SER B 14 -17.23 6.04 14.58
C SER B 14 -16.80 7.50 14.40
N LEU B 15 -17.19 8.12 13.27
CA LEU B 15 -16.91 9.54 12.96
C LEU B 15 -17.26 10.40 14.17
N GLY B 16 -16.43 11.40 14.48
CA GLY B 16 -16.68 12.38 15.56
C GLY B 16 -16.23 11.86 16.93
N GLN B 17 -15.84 10.59 17.03
CA GLN B 17 -15.50 9.91 18.30
C GLN B 17 -13.97 9.86 18.45
N ARG B 18 -13.48 9.16 19.48
CA ARG B 18 -12.09 9.25 19.97
C ARG B 18 -11.37 7.91 19.76
N ALA B 19 -10.32 7.91 18.94
CA ALA B 19 -9.34 6.81 18.82
C ALA B 19 -8.16 7.14 19.75
N THR B 20 -7.79 6.20 20.62
CA THR B 20 -6.62 6.28 21.53
C THR B 20 -5.67 5.13 21.20
N ILE B 21 -4.39 5.46 21.00
CA ILE B 21 -3.31 4.48 20.65
C ILE B 21 -2.15 4.66 21.64
N SER B 22 -1.85 3.60 22.39
CA SER B 22 -0.69 3.50 23.31
C SER B 22 0.54 3.10 22.51
N CYS B 23 1.71 3.57 22.97
CA CYS B 23 3.05 3.05 22.59
C CYS B 23 3.86 2.95 23.88
N ARG B 24 4.22 1.72 24.28
CA ARG B 24 5.07 1.44 25.47
C ARG B 24 6.48 1.09 24.97
N ALA B 25 7.51 1.70 25.56
CA ALA B 25 8.93 1.51 25.19
C ALA B 25 9.64 0.70 26.29
N SER B 26 10.38 -0.35 25.90
CA SER B 26 11.10 -1.29 26.79
C SER B 26 12.09 -0.54 27.70
N LYS B 27 12.55 0.64 27.29
CA LYS B 27 13.36 1.58 28.12
C LYS B 27 12.76 2.98 28.00
N SER B 28 13.00 3.85 28.99
CA SER B 28 12.64 5.30 28.95
C SER B 28 13.26 5.92 27.70
N VAL B 29 12.47 6.65 26.90
CA VAL B 29 12.95 7.43 25.72
C VAL B 29 12.96 8.92 26.08
N SER B 30 12.87 9.24 27.39
CA SER B 30 12.87 10.62 27.93
C SER B 30 14.11 10.83 28.81
N THR B 31 14.79 11.96 28.63
CA THR B 31 15.92 12.41 29.50
C THR B 31 16.13 13.91 29.32
N SER B 32 16.47 14.60 30.42
CA SER B 32 17.06 15.97 30.45
C SER B 32 16.19 16.94 29.61
N GLY B 33 14.88 16.86 29.77
CA GLY B 33 13.91 17.84 29.23
C GLY B 33 13.33 17.41 27.90
N TYR B 34 13.79 16.30 27.33
CA TYR B 34 13.34 15.78 26.02
C TYR B 34 12.67 14.41 26.20
N SER B 35 11.52 14.22 25.54
CA SER B 35 10.86 12.91 25.32
C SER B 35 10.97 12.59 23.84
N PHE B 36 11.81 11.63 23.46
CA PHE B 36 12.22 11.36 22.04
C PHE B 36 11.27 10.34 21.41
N MET B 37 9.98 10.66 21.38
CA MET B 37 8.90 9.85 20.73
C MET B 37 8.29 10.68 19.59
N HIS B 38 7.86 10.00 18.52
CA HIS B 38 7.31 10.63 17.29
C HIS B 38 6.21 9.73 16.73
N TRP B 39 5.16 10.32 16.14
CA TRP B 39 3.97 9.61 15.61
C TRP B 39 3.80 9.90 14.12
N TYR B 40 3.51 8.86 13.33
CA TYR B 40 3.22 8.94 11.88
C TYR B 40 1.89 8.28 11.55
N GLN B 41 1.17 8.82 10.56
CA GLN B 41 -0.05 8.26 9.91
C GLN B 41 0.35 7.80 8.52
N GLN B 42 0.31 6.48 8.25
CA GLN B 42 0.55 5.91 6.90
C GLN B 42 -0.81 5.49 6.31
N LYS B 43 -1.23 6.18 5.25
CA LYS B 43 -2.43 5.82 4.44
C LYS B 43 -2.00 4.79 3.40
N PRO B 44 -2.91 3.89 2.96
CA PRO B 44 -2.58 2.92 1.91
C PRO B 44 -2.05 3.63 0.64
N GLY B 45 -0.88 3.20 0.16
CA GLY B 45 -0.27 3.64 -1.11
C GLY B 45 0.56 4.91 -0.97
N GLN B 46 0.68 5.47 0.25
CA GLN B 46 1.51 6.67 0.54
C GLN B 46 2.57 6.33 1.58
N PRO B 47 3.65 7.13 1.67
CA PRO B 47 4.59 7.02 2.79
C PRO B 47 3.98 7.56 4.08
N PRO B 48 4.49 7.15 5.25
CA PRO B 48 4.13 7.80 6.51
C PRO B 48 4.22 9.33 6.45
N LYS B 49 3.36 10.02 7.20
CA LYS B 49 3.32 11.49 7.36
C LYS B 49 3.50 11.81 8.85
N LEU B 50 4.37 12.76 9.18
CA LEU B 50 4.67 13.14 10.59
C LEU B 50 3.50 13.95 11.16
N LEU B 51 2.92 13.49 12.28
CA LEU B 51 1.83 14.17 13.01
C LEU B 51 2.42 14.91 14.22
N ILE B 52 3.17 14.20 15.06
CA ILE B 52 3.72 14.68 16.36
C ILE B 52 5.22 14.38 16.41
N TYR B 53 6.04 15.37 16.81
CA TYR B 53 7.45 15.18 17.21
C TYR B 53 7.58 15.49 18.70
N LEU B 54 8.62 14.92 19.33
CA LEU B 54 8.93 15.03 20.78
C LEU B 54 7.66 14.93 21.64
N ALA B 55 6.83 13.92 21.36
CA ALA B 55 5.72 13.42 22.21
C ALA B 55 4.44 14.27 22.04
N SER B 56 4.52 15.60 22.06
CA SER B 56 3.32 16.49 22.13
C SER B 56 3.42 17.70 21.19
N ASN B 57 4.40 17.77 20.29
CA ASN B 57 4.56 18.90 19.33
C ASN B 57 3.79 18.56 18.05
N LEU B 58 2.63 19.19 17.88
CA LEU B 58 1.79 19.10 16.65
C LEU B 58 2.59 19.68 15.48
N GLU B 59 3.05 18.81 14.56
CA GLU B 59 3.74 19.20 13.32
C GLU B 59 2.86 20.19 12.53
N SER B 60 3.43 21.31 12.11
CA SER B 60 2.77 22.37 11.29
C SER B 60 1.99 21.73 10.13
N GLY B 61 0.78 22.24 9.86
CA GLY B 61 -0.10 21.80 8.76
C GLY B 61 -0.98 20.62 9.16
N VAL B 62 -0.85 20.13 10.39
CA VAL B 62 -1.61 18.95 10.92
C VAL B 62 -2.62 19.46 11.94
N PRO B 63 -3.92 19.08 11.82
CA PRO B 63 -4.96 19.57 12.72
C PRO B 63 -4.84 19.04 14.15
N ALA B 64 -5.31 19.82 15.12
CA ALA B 64 -5.13 19.59 16.58
C ALA B 64 -6.05 18.46 17.07
N ARG B 65 -6.79 17.80 16.18
CA ARG B 65 -7.56 16.57 16.49
C ARG B 65 -6.58 15.42 16.72
N PHE B 66 -5.33 15.58 16.26
CA PHE B 66 -4.16 14.76 16.67
C PHE B 66 -3.50 15.43 17.87
N SER B 67 -3.58 14.79 19.04
CA SER B 67 -2.85 15.19 20.27
C SER B 67 -1.91 14.03 20.67
N GLY B 68 -0.68 14.38 21.04
CA GLY B 68 0.31 13.45 21.60
C GLY B 68 0.57 13.76 23.07
N SER B 69 0.64 12.72 23.90
CA SER B 69 0.97 12.81 25.35
C SER B 69 1.86 11.63 25.73
N GLY B 70 2.36 11.63 26.96
CA GLY B 70 3.20 10.56 27.53
C GLY B 70 4.60 11.05 27.83
N SER B 71 5.34 10.29 28.64
CA SER B 71 6.69 10.64 29.14
C SER B 71 7.35 9.37 29.68
N GLY B 72 8.67 9.25 29.55
CA GLY B 72 9.43 8.06 29.97
C GLY B 72 9.21 6.90 29.01
N THR B 73 8.35 5.94 29.38
CA THR B 73 8.16 4.63 28.67
C THR B 73 6.77 4.55 28.03
N ASP B 74 5.77 5.29 28.54
CA ASP B 74 4.35 5.13 28.16
C ASP B 74 3.87 6.41 27.43
N PHE B 75 3.54 6.29 26.14
CA PHE B 75 3.13 7.39 25.25
C PHE B 75 1.78 7.05 24.61
N THR B 76 1.04 8.10 24.24
CA THR B 76 -0.40 8.06 23.85
C THR B 76 -0.66 9.09 22.75
N LEU B 77 -1.20 8.64 21.62
CA LEU B 77 -1.71 9.51 20.53
C LEU B 77 -3.24 9.42 20.50
N ASN B 78 -3.92 10.56 20.57
CA ASN B 78 -5.41 10.62 20.48
C ASN B 78 -5.78 11.27 19.14
N ILE B 79 -6.60 10.59 18.34
CA ILE B 79 -7.33 11.19 17.19
C ILE B 79 -8.76 11.43 17.69
N HIS B 80 -9.18 12.70 17.80
CA HIS B 80 -10.42 13.09 18.53
C HIS B 80 -10.82 14.53 18.21
N PRO B 81 -11.81 14.76 17.32
CA PRO B 81 -12.60 13.70 16.70
C PRO B 81 -11.96 13.03 15.47
N VAL B 82 -12.21 11.73 15.32
CA VAL B 82 -11.82 10.91 14.14
C VAL B 82 -12.62 11.39 12.93
N GLU B 83 -12.04 11.28 11.73
CA GLU B 83 -12.67 11.66 10.44
C GLU B 83 -12.46 10.53 9.43
N GLU B 84 -13.03 10.65 8.22
CA GLU B 84 -13.05 9.60 7.17
C GLU B 84 -11.62 9.26 6.74
N GLU B 85 -10.74 10.28 6.67
CA GLU B 85 -9.37 10.16 6.09
C GLU B 85 -8.39 9.55 7.11
N ASP B 86 -8.88 9.13 8.28
CA ASP B 86 -8.06 8.48 9.34
C ASP B 86 -8.04 6.96 9.17
N ALA B 87 -8.66 6.43 8.10
CA ALA B 87 -8.56 5.00 7.69
C ALA B 87 -7.13 4.72 7.22
N ALA B 88 -6.22 4.59 8.18
CA ALA B 88 -4.75 4.53 7.99
C ALA B 88 -4.14 3.59 9.04
N THR B 89 -2.82 3.37 8.95
CA THR B 89 -2.02 2.70 10.00
C THR B 89 -1.13 3.76 10.67
N PHE B 90 -1.04 3.69 12.01
CA PHE B 90 -0.36 4.69 12.86
C PHE B 90 0.85 4.01 13.52
N TYR B 91 2.01 4.67 13.46
CA TYR B 91 3.29 4.19 14.01
C TYR B 91 3.83 5.19 15.02
N CYS B 92 4.36 4.70 16.14
CA CYS B 92 5.29 5.47 17.02
C CYS B 92 6.72 5.18 16.56
N GLN B 93 7.65 6.10 16.85
CA GLN B 93 9.10 6.00 16.54
C GLN B 93 9.88 6.75 17.63
N HIS B 94 10.94 6.12 18.15
CA HIS B 94 11.86 6.72 19.16
C HIS B 94 13.19 7.06 18.48
N SER B 95 13.82 8.16 18.91
CA SER B 95 15.21 8.55 18.55
C SER B 95 16.06 8.69 19.81
N ARG B 96 15.67 7.99 20.88
CA ARG B 96 16.39 8.00 22.19
C ARG B 96 17.83 7.53 21.98
N GLU B 97 18.00 6.44 21.25
CA GLU B 97 19.33 5.83 20.99
C GLU B 97 19.27 5.05 19.67
N LEU B 98 20.43 4.70 19.11
CA LEU B 98 20.53 3.72 18.00
C LEU B 98 20.41 2.33 18.62
N PRO B 99 19.77 1.35 17.93
CA PRO B 99 19.07 1.62 16.66
C PRO B 99 17.71 2.29 16.89
N TYR B 100 17.34 3.21 16.00
CA TYR B 100 16.00 3.84 15.96
C TYR B 100 15.00 2.80 15.47
N THR B 101 13.88 2.62 16.18
CA THR B 101 12.85 1.60 15.86
C THR B 101 11.45 2.22 15.91
N PHE B 102 10.53 1.63 15.13
CA PHE B 102 9.09 1.93 15.11
C PHE B 102 8.31 0.81 15.79
N GLY B 103 7.13 1.12 16.33
CA GLY B 103 6.15 0.09 16.76
C GLY B 103 5.63 -0.67 15.55
N GLY B 104 4.96 -1.81 15.79
CA GLY B 104 4.40 -2.68 14.74
C GLY B 104 3.24 -2.04 13.99
N GLY B 105 2.67 -0.96 14.55
CA GLY B 105 1.64 -0.15 13.89
C GLY B 105 0.24 -0.45 14.43
N THR B 106 -0.67 0.52 14.33
CA THR B 106 -2.08 0.43 14.79
C THR B 106 -3.00 0.88 13.65
N LYS B 107 -3.82 -0.02 13.11
CA LYS B 107 -4.76 0.27 12.00
C LYS B 107 -6.10 0.71 12.58
N LEU B 108 -6.57 1.89 12.18
CA LEU B 108 -7.85 2.49 12.65
C LEU B 108 -8.92 2.28 11.58
N GLU B 109 -9.90 1.41 11.86
CA GLU B 109 -11.13 1.24 11.04
C GLU B 109 -12.12 2.34 11.44
N ILE B 110 -12.56 3.15 10.47
CA ILE B 110 -13.68 4.12 10.66
C ILE B 110 -14.99 3.33 10.58
N LYS B 111 -15.79 3.34 11.65
CA LYS B 111 -17.13 2.70 11.69
C LYS B 111 -18.11 3.60 10.92
N ARG B 112 -18.94 2.98 10.09
CA ARG B 112 -19.98 3.66 9.28
C ARG B 112 -21.26 2.81 9.32
N ALA B 113 -22.35 3.33 8.74
CA ALA B 113 -23.61 2.59 8.53
C ALA B 113 -23.31 1.33 7.72
N ASP B 114 -23.92 0.20 8.08
CA ASP B 114 -23.94 -1.03 7.28
C ASP B 114 -24.22 -0.67 5.82
N ALA B 115 -23.55 -1.35 4.88
CA ALA B 115 -23.80 -1.27 3.43
C ALA B 115 -23.69 -2.67 2.82
N ALA B 116 -24.62 -3.01 1.92
CA ALA B 116 -24.65 -4.31 1.19
C ALA B 116 -23.75 -4.21 -0.04
N PRO B 117 -23.09 -5.30 -0.46
CA PRO B 117 -22.24 -5.27 -1.64
C PRO B 117 -23.03 -5.13 -2.95
N THR B 118 -22.47 -4.41 -3.93
CA THR B 118 -22.84 -4.43 -5.36
C THR B 118 -22.03 -5.53 -6.04
N VAL B 119 -22.66 -6.60 -6.51
CA VAL B 119 -21.98 -7.79 -7.10
C VAL B 119 -22.09 -7.71 -8.63
N SER B 120 -20.96 -7.82 -9.33
CA SER B 120 -20.83 -7.74 -10.81
C SER B 120 -19.98 -8.92 -11.29
N ILE B 121 -20.51 -9.76 -12.18
CA ILE B 121 -19.79 -10.95 -12.74
C ILE B 121 -19.39 -10.67 -14.19
N PHE B 122 -18.26 -11.25 -14.61
CA PHE B 122 -17.63 -11.07 -15.94
C PHE B 122 -17.18 -12.43 -16.46
N PRO B 123 -17.46 -12.77 -17.74
CA PRO B 123 -16.91 -13.98 -18.36
C PRO B 123 -15.49 -13.75 -18.85
N PRO B 124 -14.68 -14.82 -19.05
CA PRO B 124 -13.36 -14.71 -19.66
C PRO B 124 -13.37 -13.85 -20.94
N SER B 125 -12.35 -13.02 -21.13
CA SER B 125 -12.15 -12.21 -22.35
C SER B 125 -11.89 -13.15 -23.55
N SER B 126 -12.13 -12.66 -24.76
CA SER B 126 -11.76 -13.33 -26.03
C SER B 126 -10.22 -13.41 -26.12
N GLU B 127 -9.53 -12.38 -25.65
CA GLU B 127 -8.04 -12.25 -25.65
C GLU B 127 -7.42 -13.36 -24.80
N GLN B 128 -7.99 -13.64 -23.61
CA GLN B 128 -7.47 -14.64 -22.63
C GLN B 128 -7.69 -16.05 -23.16
N LEU B 129 -8.90 -16.32 -23.67
CA LEU B 129 -9.29 -17.63 -24.24
C LEU B 129 -8.32 -18.03 -25.35
N THR B 130 -7.75 -17.05 -26.07
CA THR B 130 -6.77 -17.23 -27.19
C THR B 130 -5.47 -17.85 -26.66
N SER B 131 -5.01 -17.42 -25.48
CA SER B 131 -3.79 -17.94 -24.80
C SER B 131 -4.08 -19.28 -24.11
N GLY B 132 -5.36 -19.59 -23.89
CA GLY B 132 -5.83 -20.88 -23.34
C GLY B 132 -6.09 -20.80 -21.84
N GLY B 133 -6.30 -19.59 -21.32
CA GLY B 133 -6.74 -19.34 -19.93
C GLY B 133 -8.22 -19.01 -19.89
N ALA B 134 -8.85 -19.15 -18.71
CA ALA B 134 -10.28 -18.84 -18.48
C ALA B 134 -10.48 -18.33 -17.04
N SER B 135 -10.64 -17.02 -16.90
CA SER B 135 -10.78 -16.31 -15.59
C SER B 135 -12.15 -15.65 -15.50
N VAL B 136 -13.03 -16.18 -14.65
CA VAL B 136 -14.35 -15.58 -14.30
C VAL B 136 -14.14 -14.73 -13.04
N VAL B 137 -14.21 -13.41 -13.19
CA VAL B 137 -13.97 -12.41 -12.09
C VAL B 137 -15.31 -12.05 -11.45
N CYS B 138 -15.31 -11.73 -10.15
CA CYS B 138 -16.50 -11.29 -9.38
C CYS B 138 -16.12 -10.10 -8.50
N PHE B 139 -16.64 -8.91 -8.83
CA PHE B 139 -16.44 -7.67 -8.03
C PHE B 139 -17.60 -7.52 -7.03
N LEU B 140 -17.25 -7.41 -5.75
CA LEU B 140 -18.17 -7.07 -4.64
C LEU B 140 -17.73 -5.71 -4.08
N ASN B 141 -18.50 -4.65 -4.36
CA ASN B 141 -18.02 -3.24 -4.29
C ASN B 141 -18.78 -2.45 -3.23
N ASN B 142 -18.02 -1.66 -2.44
CA ASN B 142 -18.52 -0.57 -1.56
C ASN B 142 -19.49 -1.13 -0.53
N PHE B 143 -19.08 -2.19 0.18
CA PHE B 143 -19.84 -2.84 1.28
C PHE B 143 -19.19 -2.50 2.61
N TYR B 144 -19.95 -2.69 3.70
CA TYR B 144 -19.49 -2.53 5.10
C TYR B 144 -20.35 -3.38 6.03
N PRO B 145 -19.79 -4.11 7.01
CA PRO B 145 -18.36 -4.09 7.33
C PRO B 145 -17.46 -5.01 6.48
N LYS B 146 -16.18 -5.08 6.86
CA LYS B 146 -15.06 -5.78 6.17
C LYS B 146 -15.46 -7.21 5.77
N ASP B 147 -16.19 -7.93 6.63
CA ASP B 147 -16.43 -9.39 6.52
C ASP B 147 -17.37 -9.68 5.35
N ILE B 148 -17.00 -10.62 4.48
CA ILE B 148 -17.77 -11.06 3.27
C ILE B 148 -17.41 -12.52 2.97
N ASN B 149 -18.39 -13.30 2.50
CA ASN B 149 -18.20 -14.73 2.11
C ASN B 149 -18.59 -14.89 0.64
N VAL B 150 -17.67 -15.41 -0.18
CA VAL B 150 -17.91 -15.71 -1.63
C VAL B 150 -17.89 -17.23 -1.80
N LYS B 151 -19.01 -17.79 -2.28
CA LYS B 151 -19.15 -19.22 -2.68
C LYS B 151 -19.31 -19.26 -4.20
N TRP B 152 -18.36 -19.89 -4.90
CA TRP B 152 -18.41 -20.14 -6.37
C TRP B 152 -19.09 -21.49 -6.62
N LYS B 153 -19.79 -21.63 -7.75
CA LYS B 153 -20.41 -22.90 -8.21
C LYS B 153 -20.31 -22.99 -9.74
N ILE B 154 -19.50 -23.92 -10.25
CA ILE B 154 -19.41 -24.29 -11.70
C ILE B 154 -20.52 -25.30 -12.00
N ASP B 155 -21.71 -24.80 -12.36
CA ASP B 155 -22.90 -25.60 -12.77
C ASP B 155 -23.37 -26.46 -11.60
N GLY B 156 -23.73 -25.83 -10.48
CA GLY B 156 -24.40 -26.47 -9.32
C GLY B 156 -23.44 -26.79 -8.19
N SER B 157 -22.20 -27.20 -8.51
CA SER B 157 -21.17 -27.70 -7.56
C SER B 157 -20.15 -26.59 -7.26
N GLU B 158 -19.80 -26.43 -5.97
CA GLU B 158 -18.78 -25.45 -5.50
C GLU B 158 -17.37 -25.95 -5.86
N ARG B 159 -16.52 -25.05 -6.35
CA ARG B 159 -15.10 -25.34 -6.73
C ARG B 159 -14.17 -24.63 -5.74
N GLN B 160 -13.34 -25.41 -5.03
CA GLN B 160 -12.40 -24.90 -3.99
C GLN B 160 -11.06 -24.52 -4.64
N ASN B 161 -10.67 -25.23 -5.72
CA ASN B 161 -9.38 -25.04 -6.44
C ASN B 161 -9.51 -23.88 -7.43
N GLY B 162 -8.48 -23.03 -7.52
CA GLY B 162 -8.33 -21.97 -8.54
C GLY B 162 -9.17 -20.73 -8.26
N VAL B 163 -9.44 -20.43 -6.98
CA VAL B 163 -10.15 -19.18 -6.55
C VAL B 163 -9.17 -18.31 -5.76
N LEU B 164 -8.95 -17.08 -6.22
CA LEU B 164 -8.06 -16.07 -5.57
C LEU B 164 -8.88 -14.83 -5.21
N ASN B 165 -8.85 -14.45 -3.94
CA ASN B 165 -9.59 -13.30 -3.36
C ASN B 165 -8.61 -12.16 -3.05
N SER B 166 -9.13 -10.94 -2.91
CA SER B 166 -8.34 -9.70 -2.70
C SER B 166 -9.27 -8.60 -2.19
N TRP B 167 -9.04 -8.10 -0.97
CA TRP B 167 -9.78 -6.98 -0.36
C TRP B 167 -9.03 -5.68 -0.60
N THR B 168 -9.75 -4.59 -0.87
CA THR B 168 -9.20 -3.21 -0.84
C THR B 168 -9.03 -2.79 0.62
N ASP B 169 -8.08 -1.88 0.86
CA ASP B 169 -8.00 -1.09 2.12
C ASP B 169 -9.26 -0.21 2.19
N GLN B 170 -9.75 0.04 3.41
CA GLN B 170 -10.93 0.91 3.67
C GLN B 170 -10.78 2.23 2.92
N ASP B 171 -11.68 2.51 1.97
CA ASP B 171 -11.75 3.79 1.23
C ASP B 171 -11.80 4.92 2.27
N SER B 172 -10.97 5.95 2.09
CA SER B 172 -10.77 7.06 3.05
C SER B 172 -11.79 8.18 2.81
N LYS B 173 -12.79 7.96 1.94
CA LYS B 173 -13.88 8.93 1.68
C LYS B 173 -15.23 8.35 2.12
N ASP B 174 -15.62 7.17 1.62
CA ASP B 174 -16.95 6.55 1.87
C ASP B 174 -16.86 5.47 2.96
N SER B 175 -15.63 5.10 3.38
CA SER B 175 -15.34 4.18 4.52
C SER B 175 -15.78 2.74 4.20
N THR B 176 -16.13 2.43 2.94
CA THR B 176 -16.52 1.08 2.49
C THR B 176 -15.28 0.25 2.17
N TYR B 177 -15.47 -1.05 1.96
CA TYR B 177 -14.45 -2.00 1.44
C TYR B 177 -14.93 -2.50 0.08
N SER B 178 -14.07 -3.19 -0.65
CA SER B 178 -14.37 -3.86 -1.93
C SER B 178 -13.54 -5.14 -2.03
N MET B 179 -13.87 -6.04 -2.96
CA MET B 179 -13.23 -7.37 -3.06
C MET B 179 -13.46 -7.97 -4.45
N SER B 180 -12.39 -8.47 -5.06
CA SER B 180 -12.41 -9.26 -6.32
C SER B 180 -12.19 -10.74 -5.97
N SER B 181 -13.11 -11.61 -6.36
CA SER B 181 -12.95 -13.09 -6.39
C SER B 181 -12.80 -13.55 -7.83
N THR B 182 -11.61 -14.07 -8.17
CA THR B 182 -11.23 -14.53 -9.53
C THR B 182 -11.20 -16.06 -9.55
N LEU B 183 -11.95 -16.68 -10.46
CA LEU B 183 -12.02 -18.15 -10.68
C LEU B 183 -11.28 -18.50 -11.97
N THR B 184 -10.05 -19.04 -11.85
CA THR B 184 -9.10 -19.29 -12.97
C THR B 184 -8.98 -20.81 -13.22
N LEU B 185 -9.07 -21.22 -14.49
CA LEU B 185 -8.97 -22.65 -14.93
C LEU B 185 -8.61 -22.70 -16.43
N THR B 186 -8.27 -23.90 -16.93
CA THR B 186 -7.91 -24.17 -18.34
C THR B 186 -9.16 -23.98 -19.22
N LYS B 187 -8.98 -23.47 -20.45
CA LYS B 187 -10.06 -23.11 -21.41
C LYS B 187 -10.83 -24.36 -21.83
N ASP B 188 -10.16 -25.52 -21.88
CA ASP B 188 -10.79 -26.85 -22.11
C ASP B 188 -11.66 -27.20 -20.90
N GLU B 189 -11.10 -27.10 -19.69
CA GLU B 189 -11.78 -27.37 -18.39
C GLU B 189 -12.99 -26.44 -18.24
N TYR B 190 -12.86 -25.18 -18.69
CA TYR B 190 -13.92 -24.15 -18.72
C TYR B 190 -15.03 -24.60 -19.69
N GLU B 191 -14.65 -25.27 -20.78
CA GLU B 191 -15.58 -25.74 -21.85
C GLU B 191 -15.99 -27.19 -21.59
N ARG B 192 -16.34 -27.51 -20.33
CA ARG B 192 -17.07 -28.75 -19.93
C ARG B 192 -18.46 -28.35 -19.45
N HIS B 193 -18.54 -27.42 -18.48
CA HIS B 193 -19.80 -26.91 -17.87
C HIS B 193 -20.17 -25.57 -18.52
N ASN B 194 -21.41 -25.10 -18.35
CA ASN B 194 -21.97 -23.90 -19.02
C ASN B 194 -22.59 -22.91 -18.01
N SER B 195 -22.96 -23.38 -16.81
CA SER B 195 -23.57 -22.56 -15.73
C SER B 195 -22.51 -22.17 -14.69
N TYR B 196 -22.13 -20.88 -14.64
CA TYR B 196 -21.20 -20.29 -13.64
C TYR B 196 -21.97 -19.27 -12.79
N THR B 197 -21.99 -19.46 -11.47
CA THR B 197 -22.72 -18.61 -10.49
C THR B 197 -21.80 -18.20 -9.34
N CYS B 198 -21.92 -16.96 -8.88
CA CYS B 198 -21.05 -16.28 -7.87
C CYS B 198 -21.89 -15.86 -6.66
N GLU B 199 -21.90 -16.68 -5.60
CA GLU B 199 -22.74 -16.47 -4.39
C GLU B 199 -21.98 -15.60 -3.37
N ALA B 200 -22.62 -14.53 -2.89
CA ALA B 200 -22.06 -13.53 -1.94
C ALA B 200 -22.98 -13.41 -0.72
N THR B 201 -22.45 -13.70 0.48
CA THR B 201 -23.17 -13.59 1.78
C THR B 201 -22.48 -12.55 2.67
N HIS B 202 -23.21 -11.50 3.05
CA HIS B 202 -22.76 -10.37 3.88
C HIS B 202 -23.66 -10.25 5.11
N LYS B 203 -23.14 -9.70 6.21
CA LYS B 203 -23.89 -9.44 7.47
C LYS B 203 -25.29 -8.88 7.15
N THR B 204 -25.36 -7.91 6.22
CA THR B 204 -26.60 -7.18 5.84
C THR B 204 -27.55 -8.08 5.04
N SER B 205 -27.02 -9.11 4.38
CA SER B 205 -27.78 -10.01 3.47
C SER B 205 -28.67 -10.93 4.32
N THR B 206 -29.98 -10.90 4.07
CA THR B 206 -31.00 -11.80 4.67
C THR B 206 -31.04 -13.10 3.85
N SER B 207 -30.77 -12.99 2.55
CA SER B 207 -30.45 -14.10 1.61
C SER B 207 -29.20 -13.72 0.82
N PRO B 208 -28.46 -14.69 0.24
CA PRO B 208 -27.29 -14.38 -0.59
C PRO B 208 -27.59 -13.41 -1.74
N ILE B 209 -26.53 -12.88 -2.37
CA ILE B 209 -26.61 -12.18 -3.68
C ILE B 209 -26.00 -13.12 -4.74
N VAL B 210 -26.84 -13.75 -5.54
CA VAL B 210 -26.44 -14.72 -6.60
C VAL B 210 -26.27 -13.96 -7.93
N LYS B 211 -25.18 -14.23 -8.65
CA LYS B 211 -24.82 -13.59 -9.93
C LYS B 211 -24.31 -14.66 -10.90
N SER B 212 -25.00 -14.85 -12.03
CA SER B 212 -24.79 -15.97 -12.97
C SER B 212 -24.46 -15.44 -14.37
N PHE B 213 -23.69 -16.22 -15.13
CA PHE B 213 -23.38 -16.02 -16.58
C PHE B 213 -23.77 -17.29 -17.34
N ASN B 214 -24.91 -17.24 -18.07
CA ASN B 214 -25.34 -18.30 -19.00
C ASN B 214 -24.41 -18.27 -20.22
N ARG B 215 -23.54 -19.28 -20.37
CA ARG B 215 -22.60 -19.43 -21.50
C ARG B 215 -23.39 -19.71 -22.80
N ASN B 216 -24.59 -20.28 -22.66
CA ASN B 216 -25.55 -20.53 -23.77
C ASN B 216 -26.19 -19.21 -24.23
N GLU B 217 -26.22 -18.19 -23.36
CA GLU B 217 -26.97 -16.91 -23.53
C GLU B 217 -28.48 -17.21 -23.43
N ALA C 44 29.49 23.52 16.98
CA ALA C 44 28.56 24.64 16.65
C ALA C 44 27.14 24.33 17.19
N SER C 45 27.00 24.35 18.52
CA SER C 45 25.75 24.10 19.28
C SER C 45 25.31 22.63 19.10
N LEU C 46 26.16 21.68 19.50
CA LEU C 46 25.84 20.22 19.49
C LEU C 46 24.54 19.97 20.23
N SER C 47 23.58 19.28 19.59
CA SER C 47 22.26 18.92 20.14
C SER C 47 22.38 17.66 21.01
N LEU C 48 21.45 17.51 21.95
CA LEU C 48 21.28 16.30 22.82
C LEU C 48 20.98 15.08 21.93
N GLN C 49 20.23 15.27 20.85
CA GLN C 49 19.82 14.19 19.92
C GLN C 49 21.07 13.54 19.30
N ARG C 50 21.93 14.35 18.68
CA ARG C 50 23.14 13.87 17.97
C ARG C 50 24.20 13.40 18.98
N LEU C 51 24.13 13.89 20.22
CA LEU C 51 25.00 13.39 21.34
C LEU C 51 24.55 11.97 21.70
N LEU C 52 23.29 11.81 22.12
CA LEU C 52 22.64 10.51 22.45
C LEU C 52 22.89 9.51 21.31
N GLU C 53 22.88 9.98 20.07
CA GLU C 53 23.14 9.16 18.86
C GLU C 53 24.60 8.68 18.87
N ALA C 54 25.54 9.63 18.95
CA ALA C 54 27.01 9.39 19.04
C ALA C 54 27.29 8.36 20.14
N LEU C 55 26.79 8.60 21.35
CA LEU C 55 27.02 7.74 22.55
C LEU C 55 26.55 6.30 22.28
N SER C 56 25.51 6.12 21.47
CA SER C 56 24.86 4.81 21.22
C SER C 56 25.33 4.20 19.89
N ALA C 57 26.24 4.87 19.17
CA ALA C 57 26.68 4.49 17.81
C ALA C 57 27.72 3.36 17.87
N GLU C 58 27.82 2.59 16.77
CA GLU C 58 28.72 1.42 16.61
C GLU C 58 29.45 1.53 15.26
#